data_1OM1
#
_entry.id   1OM1
#
_cell.length_a   141.524
_cell.length_b   60.276
_cell.length_c   44.546
_cell.angle_alpha   90.00
_cell.angle_beta   102.63
_cell.angle_gamma   90.00
#
_symmetry.space_group_name_H-M   'C 1 2 1'
#
loop_
_entity.id
_entity.type
_entity.pdbx_description
1 polymer 'Casein kinase II, alpha chain'
2 non-polymer '(5-OXO-5,6-DIHYDRO-INDOLO[1,2-A]QUINAZOLIN-7-YL)-ACETIC ACID'
3 water water
#
_entity_poly.entity_id   1
_entity_poly.type   'polypeptide(L)'
_entity_poly.pdbx_seq_one_letter_code
;MSKARVYADVNVLRPKEYWDYEALTVQWGEQDDYEVVRKVGRGKYSEVFEGINVNNNEKCIIKILKPVKKKKIKREIKIL
QNLCGGPNIVKLLDIVRDQHSKTPSLIFEYVNNTDFKVLYPTLTDYDIRYYIYELLKALDYCHSQGIMHRDVKPHNVMID
HELRKLRLIDWGLAEFYHPGKEYNVRVASRYFKGPELLVDLQDYDYSLDMWSLGCMFAGMIFRKEPFFYGHDNHDQLVKI
AKVLGTDGLNVYLNKYRIELDPQLEALVGRHSRKPWLKFMNADNQHLVSPEAIDFLDKLLRYDHQERLTALEAMTHPYFQ
QVRAAENSRTRA
;
_entity_poly.pdbx_strand_id   A
#
# COMPACT_ATOMS: atom_id res chain seq x y z
N SER A 2 17.14 12.55 5.06
CA SER A 2 15.75 12.77 4.56
C SER A 2 14.72 12.51 5.65
N LYS A 3 13.63 13.26 5.62
CA LYS A 3 12.56 13.05 6.59
C LYS A 3 11.23 13.43 5.96
N ALA A 4 10.15 12.88 6.51
CA ALA A 4 8.80 13.15 6.03
C ALA A 4 8.48 14.63 6.14
N ARG A 5 7.77 15.17 5.15
CA ARG A 5 7.39 16.59 5.17
C ARG A 5 6.13 16.80 6.00
N VAL A 6 5.45 15.70 6.34
CA VAL A 6 4.24 15.78 7.16
C VAL A 6 4.22 14.61 8.16
N TYR A 7 3.51 14.80 9.27
CA TYR A 7 3.38 13.76 10.31
C TYR A 7 4.70 13.19 10.80
N ALA A 8 5.77 13.97 10.71
CA ALA A 8 7.09 13.48 11.14
C ALA A 8 7.22 13.22 12.63
N ASP A 9 6.50 13.99 13.45
CA ASP A 9 6.59 13.86 14.90
C ASP A 9 5.47 13.08 15.58
N VAL A 10 4.67 12.36 14.80
CA VAL A 10 3.57 11.60 15.39
C VAL A 10 4.04 10.64 16.48
N ASN A 11 5.05 9.83 16.20
CA ASN A 11 5.53 8.89 17.20
C ASN A 11 6.46 9.50 18.23
N VAL A 12 6.88 10.73 17.98
CA VAL A 12 7.76 11.44 18.89
C VAL A 12 6.90 11.96 20.04
N LEU A 13 5.70 12.42 19.71
CA LEU A 13 4.77 12.99 20.68
C LEU A 13 3.91 11.97 21.42
N ARG A 14 3.77 10.77 20.87
CA ARG A 14 2.96 9.75 21.53
C ARG A 14 3.73 8.87 22.49
N PRO A 15 3.02 8.29 23.47
CA PRO A 15 3.62 7.40 24.47
C PRO A 15 4.40 6.27 23.80
N LYS A 16 5.51 5.85 24.39
CA LYS A 16 6.32 4.79 23.81
C LYS A 16 5.50 3.52 23.57
N GLU A 17 4.51 3.29 24.42
CA GLU A 17 3.64 2.12 24.30
C GLU A 17 2.93 2.08 22.96
N TYR A 18 2.71 3.25 22.36
CA TYR A 18 2.03 3.33 21.08
C TYR A 18 2.82 2.66 19.95
N TRP A 19 4.09 3.01 19.83
CA TRP A 19 4.94 2.45 18.77
C TRP A 19 5.89 1.32 19.16
N ASP A 20 6.09 1.11 20.46
CA ASP A 20 6.99 0.05 20.89
C ASP A 20 6.25 -1.29 20.82
N TYR A 21 6.05 -1.78 19.60
CA TYR A 21 5.33 -3.03 19.39
C TYR A 21 5.97 -4.26 20.04
N GLU A 22 7.28 -4.24 20.23
CA GLU A 22 7.97 -5.37 20.85
C GLU A 22 7.57 -5.57 22.31
N ALA A 23 7.13 -4.49 22.96
CA ALA A 23 6.73 -4.56 24.36
C ALA A 23 5.33 -5.13 24.55
N LEU A 24 4.61 -5.28 23.45
CA LEU A 24 3.25 -5.81 23.48
C LEU A 24 3.16 -7.25 23.95
N THR A 25 2.15 -7.54 24.76
CA THR A 25 1.91 -8.90 25.23
C THR A 25 0.52 -9.24 24.71
N VAL A 26 0.46 -10.12 23.73
CA VAL A 26 -0.80 -10.50 23.12
C VAL A 26 -1.79 -11.12 24.10
N GLN A 27 -3.03 -10.63 24.04
CA GLN A 27 -4.11 -11.14 24.90
C GLN A 27 -4.93 -12.07 24.02
N TRP A 28 -4.51 -13.33 23.96
CA TRP A 28 -5.17 -14.33 23.13
C TRP A 28 -6.63 -14.63 23.49
N GLY A 29 -7.47 -14.65 22.46
CA GLY A 29 -8.88 -14.95 22.66
C GLY A 29 -9.14 -16.44 22.60
N GLU A 30 -10.33 -16.83 22.14
CA GLU A 30 -10.69 -18.25 22.05
C GLU A 30 -10.73 -18.73 20.60
N GLN A 31 -9.83 -19.65 20.24
CA GLN A 31 -9.78 -20.19 18.89
C GLN A 31 -11.11 -20.79 18.46
N ASP A 32 -11.82 -21.39 19.40
CA ASP A 32 -13.11 -22.01 19.11
C ASP A 32 -14.21 -21.05 18.69
N ASP A 33 -14.05 -19.77 19.03
CA ASP A 33 -15.06 -18.78 18.68
C ASP A 33 -15.24 -18.58 17.18
N TYR A 34 -14.23 -18.93 16.40
CA TYR A 34 -14.30 -18.72 14.97
C TYR A 34 -14.03 -19.97 14.13
N GLU A 35 -14.96 -20.28 13.24
CA GLU A 35 -14.82 -21.46 12.39
C GLU A 35 -14.65 -21.08 10.93
N VAL A 36 -13.74 -21.77 10.26
CA VAL A 36 -13.48 -21.53 8.84
C VAL A 36 -14.61 -22.07 7.98
N VAL A 37 -15.09 -21.25 7.05
CA VAL A 37 -16.15 -21.66 6.15
C VAL A 37 -15.56 -21.98 4.77
N ARG A 38 -14.80 -21.04 4.23
CA ARG A 38 -14.17 -21.25 2.92
C ARG A 38 -12.94 -20.37 2.72
N LYS A 39 -11.97 -20.89 1.98
CA LYS A 39 -10.75 -20.15 1.72
C LYS A 39 -11.04 -19.05 0.71
N VAL A 40 -10.48 -17.87 0.93
CA VAL A 40 -10.73 -16.76 0.01
C VAL A 40 -9.44 -16.16 -0.54
N GLY A 41 -8.32 -16.45 0.10
CA GLY A 41 -7.05 -15.90 -0.36
C GLY A 41 -5.83 -16.53 0.26
N ARG A 42 -4.66 -16.15 -0.26
CA ARG A 42 -3.41 -16.67 0.24
C ARG A 42 -2.25 -15.80 -0.21
N GLY A 43 -1.17 -15.85 0.56
CA GLY A 43 0.02 -15.08 0.26
C GLY A 43 1.18 -15.85 0.84
N LYS A 44 2.40 -15.37 0.68
CA LYS A 44 3.54 -16.10 1.22
C LYS A 44 3.63 -16.04 2.74
N TYR A 45 2.79 -15.22 3.37
CA TYR A 45 2.83 -15.09 4.83
C TYR A 45 1.56 -15.52 5.54
N SER A 46 0.53 -15.87 4.76
CA SER A 46 -0.72 -16.30 5.36
C SER A 46 -1.69 -16.92 4.38
N GLU A 47 -2.76 -17.49 4.94
CA GLU A 47 -3.85 -18.09 4.18
C GLU A 47 -5.07 -17.41 4.78
N VAL A 48 -5.98 -16.96 3.93
CA VAL A 48 -7.16 -16.25 4.41
C VAL A 48 -8.46 -16.98 4.11
N PHE A 49 -9.35 -16.98 5.09
CA PHE A 49 -10.63 -17.67 4.94
C PHE A 49 -11.80 -16.81 5.40
N GLU A 50 -12.97 -17.11 4.85
CA GLU A 50 -14.17 -16.44 5.28
C GLU A 50 -14.55 -17.35 6.44
N GLY A 51 -14.98 -16.77 7.55
CA GLY A 51 -15.33 -17.59 8.69
C GLY A 51 -16.63 -17.14 9.32
N ILE A 52 -16.93 -17.72 10.48
CA ILE A 52 -18.14 -17.36 11.19
C ILE A 52 -17.86 -17.32 12.67
N ASN A 53 -18.42 -16.32 13.36
CA ASN A 53 -18.28 -16.16 14.79
C ASN A 53 -19.41 -17.05 15.33
N VAL A 54 -19.06 -18.16 15.97
CA VAL A 54 -20.07 -19.08 16.49
C VAL A 54 -20.97 -18.53 17.58
N ASN A 55 -20.59 -17.40 18.18
CA ASN A 55 -21.39 -16.81 19.24
C ASN A 55 -22.56 -15.99 18.69
N ASN A 56 -22.27 -15.11 17.73
CA ASN A 56 -23.31 -14.27 17.13
C ASN A 56 -23.67 -14.69 15.71
N ASN A 57 -22.97 -15.69 15.20
CA ASN A 57 -23.21 -16.21 13.85
C ASN A 57 -22.99 -15.22 12.71
N GLU A 58 -22.18 -14.20 12.94
CA GLU A 58 -21.91 -13.25 11.88
C GLU A 58 -20.62 -13.62 11.17
N LYS A 59 -20.53 -13.22 9.90
CA LYS A 59 -19.35 -13.50 9.10
C LYS A 59 -18.14 -12.74 9.61
N CYS A 60 -16.96 -13.25 9.26
CA CYS A 60 -15.70 -12.64 9.64
C CYS A 60 -14.63 -13.17 8.70
N ILE A 61 -13.44 -12.61 8.80
CA ILE A 61 -12.32 -13.07 7.99
C ILE A 61 -11.28 -13.63 8.94
N ILE A 62 -10.78 -14.82 8.63
CA ILE A 62 -9.78 -15.47 9.46
C ILE A 62 -8.49 -15.55 8.69
N LYS A 63 -7.48 -14.82 9.16
CA LYS A 63 -6.18 -14.81 8.52
C LYS A 63 -5.25 -15.69 9.34
N ILE A 64 -4.94 -16.88 8.82
CA ILE A 64 -4.06 -17.80 9.54
C ILE A 64 -2.63 -17.56 9.09
N LEU A 65 -1.79 -17.13 10.03
CA LEU A 65 -0.41 -16.81 9.72
C LEU A 65 0.53 -18.01 9.61
N LYS A 66 1.40 -17.96 8.62
CA LYS A 66 2.39 -19.02 8.44
C LYS A 66 3.46 -18.74 9.47
N PRO A 67 4.28 -19.74 9.81
CA PRO A 67 5.33 -19.55 10.81
C PRO A 67 6.25 -18.35 10.57
N VAL A 68 6.27 -17.42 11.52
CA VAL A 68 7.14 -16.25 11.40
C VAL A 68 7.55 -15.77 12.79
N LYS A 69 8.57 -14.92 12.84
CA LYS A 69 9.09 -14.39 14.10
C LYS A 69 8.08 -13.61 14.94
N LYS A 70 8.20 -13.76 16.26
CA LYS A 70 7.30 -13.09 17.20
C LYS A 70 7.30 -11.58 17.03
N LYS A 71 8.46 -11.02 16.71
CA LYS A 71 8.58 -9.56 16.53
C LYS A 71 7.67 -9.06 15.42
N LYS A 72 7.66 -9.76 14.30
CA LYS A 72 6.84 -9.35 13.16
C LYS A 72 5.35 -9.50 13.42
N ILE A 73 4.98 -10.54 14.16
CA ILE A 73 3.56 -10.74 14.42
C ILE A 73 3.05 -9.67 15.39
N LYS A 74 3.89 -9.24 16.32
CA LYS A 74 3.49 -8.20 17.25
C LYS A 74 3.38 -6.86 16.53
N ARG A 75 4.24 -6.68 15.53
CA ARG A 75 4.22 -5.43 14.77
C ARG A 75 2.88 -5.28 14.05
N GLU A 76 2.44 -6.32 13.36
CA GLU A 76 1.17 -6.26 12.63
C GLU A 76 -0.01 -6.06 13.58
N ILE A 77 -0.01 -6.77 14.70
CA ILE A 77 -1.08 -6.65 15.67
C ILE A 77 -1.17 -5.24 16.26
N LYS A 78 -0.04 -4.69 16.67
CA LYS A 78 -0.02 -3.35 17.25
C LYS A 78 -0.50 -2.30 16.28
N ILE A 79 -0.06 -2.40 15.03
CA ILE A 79 -0.47 -1.45 14.01
C ILE A 79 -1.98 -1.54 13.75
N LEU A 80 -2.49 -2.77 13.69
CA LEU A 80 -3.92 -2.97 13.46
C LEU A 80 -4.73 -2.39 14.63
N GLN A 81 -4.25 -2.59 15.85
CA GLN A 81 -4.95 -2.06 17.01
C GLN A 81 -4.94 -0.54 17.00
N ASN A 82 -3.80 0.04 16.64
CA ASN A 82 -3.67 1.51 16.59
C ASN A 82 -4.55 2.14 15.52
N LEU A 83 -4.74 1.44 14.41
CA LEU A 83 -5.54 1.97 13.30
C LEU A 83 -7.02 1.60 13.31
N CYS A 84 -7.39 0.65 14.18
CA CYS A 84 -8.79 0.23 14.26
C CYS A 84 -9.75 1.41 14.38
N GLY A 85 -10.76 1.44 13.51
CA GLY A 85 -11.74 2.51 13.53
C GLY A 85 -11.46 3.60 12.53
N GLY A 86 -10.27 3.58 11.94
CA GLY A 86 -9.92 4.60 10.97
C GLY A 86 -10.63 4.40 9.64
N PRO A 87 -10.73 5.45 8.81
CA PRO A 87 -11.38 5.43 7.50
C PRO A 87 -10.85 4.33 6.57
N ASN A 88 -11.73 3.41 6.21
CA ASN A 88 -11.40 2.32 5.30
C ASN A 88 -10.24 1.42 5.67
N ILE A 89 -9.95 1.33 6.95
CA ILE A 89 -8.89 0.47 7.45
C ILE A 89 -9.58 -0.80 7.91
N VAL A 90 -9.02 -1.96 7.60
CA VAL A 90 -9.65 -3.19 8.05
C VAL A 90 -9.74 -3.18 9.57
N LYS A 91 -10.75 -3.84 10.11
CA LYS A 91 -10.96 -3.87 11.55
C LYS A 91 -10.59 -5.20 12.22
N LEU A 92 -9.57 -5.16 13.07
CA LEU A 92 -9.14 -6.36 13.79
C LEU A 92 -10.10 -6.53 14.97
N LEU A 93 -10.74 -7.69 15.04
CA LEU A 93 -11.71 -7.98 16.10
C LEU A 93 -11.20 -8.90 17.20
N ASP A 94 -10.35 -9.85 16.84
CA ASP A 94 -9.82 -10.79 17.82
C ASP A 94 -8.51 -11.39 17.35
N ILE A 95 -7.79 -12.00 18.28
CA ILE A 95 -6.50 -12.64 17.99
C ILE A 95 -6.48 -13.97 18.73
N VAL A 96 -6.39 -15.06 17.98
CA VAL A 96 -6.38 -16.39 18.59
C VAL A 96 -5.27 -17.30 18.07
N ARG A 97 -5.05 -18.43 18.75
CA ARG A 97 -4.00 -19.36 18.35
C ARG A 97 -4.38 -20.81 18.61
N ASP A 98 -3.86 -21.70 17.78
CA ASP A 98 -4.11 -23.12 17.93
C ASP A 98 -3.31 -23.58 19.15
N GLN A 99 -3.99 -24.14 20.15
CA GLN A 99 -3.32 -24.56 21.36
C GLN A 99 -2.13 -25.51 21.13
N HIS A 100 -2.29 -26.50 20.26
CA HIS A 100 -1.22 -27.46 20.00
C HIS A 100 0.05 -26.95 19.31
N SER A 101 -0.09 -26.24 18.19
CA SER A 101 1.07 -25.74 17.47
C SER A 101 1.32 -24.26 17.65
N LYS A 102 0.36 -23.57 18.26
CA LYS A 102 0.45 -22.14 18.50
C LYS A 102 0.38 -21.30 17.23
N THR A 103 -0.27 -21.84 16.20
CA THR A 103 -0.43 -21.12 14.95
C THR A 103 -1.43 -20.00 15.20
N PRO A 104 -1.00 -18.75 15.02
CA PRO A 104 -1.91 -17.62 15.26
C PRO A 104 -2.81 -17.26 14.09
N SER A 105 -4.00 -16.76 14.42
CA SER A 105 -4.97 -16.33 13.43
C SER A 105 -5.45 -14.94 13.84
N LEU A 106 -5.56 -14.04 12.87
CA LEU A 106 -6.07 -12.71 13.15
C LEU A 106 -7.50 -12.71 12.62
N ILE A 107 -8.44 -12.27 13.47
CA ILE A 107 -9.85 -12.25 13.09
C ILE A 107 -10.26 -10.82 12.74
N PHE A 108 -10.86 -10.67 11.56
CA PHE A 108 -11.28 -9.36 11.08
C PHE A 108 -12.76 -9.29 10.74
N GLU A 109 -13.28 -8.06 10.69
CA GLU A 109 -14.66 -7.83 10.33
C GLU A 109 -14.71 -8.34 8.89
N TYR A 110 -15.85 -8.90 8.48
CA TYR A 110 -15.94 -9.44 7.13
C TYR A 110 -15.87 -8.37 6.04
N VAL A 111 -15.22 -8.71 4.94
CA VAL A 111 -15.10 -7.81 3.80
C VAL A 111 -15.18 -8.68 2.56
N ASN A 112 -16.11 -8.38 1.68
CA ASN A 112 -16.25 -9.15 0.45
C ASN A 112 -15.26 -8.53 -0.53
N ASN A 113 -15.03 -9.20 -1.65
CA ASN A 113 -14.09 -8.66 -2.63
C ASN A 113 -14.14 -9.37 -3.95
N THR A 114 -13.82 -8.64 -5.01
CA THR A 114 -13.75 -9.18 -6.36
C THR A 114 -12.32 -8.91 -6.80
N ASP A 115 -11.61 -9.96 -7.18
CA ASP A 115 -10.23 -9.78 -7.61
C ASP A 115 -10.15 -8.63 -8.61
N PHE A 116 -9.18 -7.75 -8.40
CA PHE A 116 -9.01 -6.60 -9.27
C PHE A 116 -8.90 -6.95 -10.75
N LYS A 117 -8.39 -8.14 -11.05
CA LYS A 117 -8.25 -8.55 -12.45
C LYS A 117 -9.59 -8.61 -13.16
N VAL A 118 -10.65 -8.89 -12.42
CA VAL A 118 -11.97 -8.95 -13.02
C VAL A 118 -12.74 -7.65 -12.77
N LEU A 119 -12.52 -7.05 -11.60
CA LEU A 119 -13.20 -5.80 -11.26
C LEU A 119 -12.76 -4.57 -12.05
N TYR A 120 -11.46 -4.27 -12.00
CA TYR A 120 -10.92 -3.09 -12.67
C TYR A 120 -11.35 -2.85 -14.11
N PRO A 121 -11.42 -3.90 -14.95
CA PRO A 121 -11.84 -3.63 -16.33
C PRO A 121 -13.24 -3.04 -16.45
N THR A 122 -14.06 -3.21 -15.41
CA THR A 122 -15.43 -2.71 -15.42
C THR A 122 -15.62 -1.36 -14.75
N LEU A 123 -14.56 -0.83 -14.15
CA LEU A 123 -14.64 0.46 -13.48
C LEU A 123 -14.79 1.60 -14.48
N THR A 124 -15.75 2.48 -14.22
CA THR A 124 -15.94 3.63 -15.10
C THR A 124 -14.98 4.72 -14.67
N ASP A 125 -14.94 5.79 -15.46
CA ASP A 125 -14.09 6.93 -15.17
C ASP A 125 -14.36 7.39 -13.75
N TYR A 126 -15.64 7.59 -13.41
CA TYR A 126 -15.99 8.03 -12.07
C TYR A 126 -15.65 7.02 -10.97
N ASP A 127 -15.84 5.73 -11.26
CA ASP A 127 -15.53 4.68 -10.27
C ASP A 127 -14.09 4.77 -9.80
N ILE A 128 -13.18 4.99 -10.75
CA ILE A 128 -11.77 5.07 -10.42
C ILE A 128 -11.51 6.26 -9.50
N ARG A 129 -12.13 7.39 -9.80
CA ARG A 129 -11.94 8.56 -8.95
C ARG A 129 -12.46 8.25 -7.55
N TYR A 130 -13.64 7.63 -7.50
CA TYR A 130 -14.26 7.28 -6.23
C TYR A 130 -13.42 6.33 -5.38
N TYR A 131 -12.99 5.21 -5.95
CA TYR A 131 -12.22 4.25 -5.18
C TYR A 131 -10.83 4.73 -4.78
N ILE A 132 -10.15 5.46 -5.65
CA ILE A 132 -8.83 5.96 -5.31
C ILE A 132 -8.98 6.98 -4.16
N TYR A 133 -10.05 7.77 -4.18
CA TYR A 133 -10.28 8.74 -3.11
C TYR A 133 -10.46 7.96 -1.80
N GLU A 134 -11.22 6.87 -1.87
CA GLU A 134 -11.46 6.07 -0.66
C GLU A 134 -10.14 5.51 -0.14
N LEU A 135 -9.28 5.05 -1.05
CA LEU A 135 -7.99 4.51 -0.63
C LEU A 135 -7.15 5.62 0.00
N LEU A 136 -7.22 6.82 -0.57
CA LEU A 136 -6.47 7.95 -0.02
C LEU A 136 -6.88 8.27 1.42
N LYS A 137 -8.16 8.10 1.75
CA LYS A 137 -8.61 8.36 3.11
C LYS A 137 -7.87 7.44 4.08
N ALA A 138 -7.71 6.19 3.68
CA ALA A 138 -7.03 5.19 4.49
C ALA A 138 -5.55 5.53 4.64
N LEU A 139 -4.92 5.97 3.56
CA LEU A 139 -3.51 6.31 3.61
C LEU A 139 -3.25 7.59 4.41
N ASP A 140 -4.06 8.62 4.22
CA ASP A 140 -3.82 9.82 5.01
C ASP A 140 -4.03 9.47 6.47
N TYR A 141 -4.98 8.58 6.75
CA TYR A 141 -5.23 8.23 8.13
C TYR A 141 -4.05 7.49 8.75
N CYS A 142 -3.60 6.41 8.13
CA CYS A 142 -2.50 5.68 8.74
C CYS A 142 -1.24 6.55 8.83
N HIS A 143 -0.99 7.37 7.82
CA HIS A 143 0.19 8.24 7.88
C HIS A 143 0.02 9.21 9.05
N SER A 144 -1.18 9.74 9.22
CA SER A 144 -1.42 10.69 10.31
C SER A 144 -1.25 10.01 11.66
N GLN A 145 -1.27 8.68 11.66
CA GLN A 145 -1.10 7.95 12.90
C GLN A 145 0.32 7.41 13.01
N GLY A 146 1.21 7.96 12.19
CA GLY A 146 2.61 7.58 12.21
C GLY A 146 2.97 6.21 11.66
N ILE A 147 2.18 5.72 10.71
CA ILE A 147 2.40 4.41 10.12
C ILE A 147 2.46 4.40 8.59
N MET A 148 3.44 3.67 8.05
CA MET A 148 3.61 3.51 6.61
C MET A 148 3.09 2.11 6.31
N HIS A 149 2.27 1.96 5.28
CA HIS A 149 1.72 0.64 4.95
C HIS A 149 2.81 -0.24 4.32
N ARG A 150 3.56 0.35 3.38
CA ARG A 150 4.66 -0.31 2.69
C ARG A 150 4.33 -1.49 1.77
N ASP A 151 3.07 -1.68 1.44
CA ASP A 151 2.70 -2.76 0.52
C ASP A 151 1.41 -2.44 -0.22
N VAL A 152 1.29 -1.19 -0.62
CA VAL A 152 0.09 -0.77 -1.36
C VAL A 152 0.13 -1.40 -2.76
N LYS A 153 -0.94 -2.09 -3.10
CA LYS A 153 -1.09 -2.74 -4.42
C LYS A 153 -2.55 -3.20 -4.50
N PRO A 154 -3.06 -3.45 -5.73
CA PRO A 154 -4.45 -3.89 -5.88
C PRO A 154 -4.83 -5.07 -4.98
N HIS A 155 -3.90 -6.01 -4.83
CA HIS A 155 -4.14 -7.20 -4.02
C HIS A 155 -4.44 -6.89 -2.56
N ASN A 156 -4.00 -5.73 -2.09
CA ASN A 156 -4.23 -5.36 -0.69
C ASN A 156 -5.28 -4.28 -0.52
N VAL A 157 -6.07 -4.08 -1.58
CA VAL A 157 -7.15 -3.11 -1.56
C VAL A 157 -8.43 -3.91 -1.87
N MET A 158 -9.16 -4.26 -0.82
CA MET A 158 -10.38 -5.03 -0.97
C MET A 158 -11.54 -4.13 -1.32
N ILE A 159 -12.26 -4.46 -2.39
CA ILE A 159 -13.39 -3.66 -2.82
C ILE A 159 -14.65 -4.49 -3.01
N ASP A 160 -15.71 -4.09 -2.33
CA ASP A 160 -17.00 -4.74 -2.47
C ASP A 160 -17.71 -3.78 -3.43
N HIS A 161 -17.63 -4.06 -4.72
CA HIS A 161 -18.21 -3.16 -5.70
C HIS A 161 -19.71 -2.94 -5.54
N GLU A 162 -20.43 -3.97 -5.14
CA GLU A 162 -21.87 -3.84 -4.94
C GLU A 162 -22.17 -2.76 -3.91
N LEU A 163 -21.51 -2.84 -2.76
CA LEU A 163 -21.70 -1.88 -1.68
C LEU A 163 -20.81 -0.65 -1.84
N ARG A 164 -19.92 -0.70 -2.83
CA ARG A 164 -18.98 0.41 -3.09
C ARG A 164 -18.22 0.73 -1.81
N LYS A 165 -17.73 -0.32 -1.16
CA LYS A 165 -16.98 -0.23 0.08
C LYS A 165 -15.54 -0.70 -0.13
N LEU A 166 -14.58 0.07 0.40
CA LEU A 166 -13.18 -0.25 0.23
C LEU A 166 -12.44 -0.40 1.55
N ARG A 167 -11.52 -1.38 1.60
CA ARG A 167 -10.71 -1.62 2.78
C ARG A 167 -9.25 -1.89 2.42
N LEU A 168 -8.35 -1.20 3.09
CA LEU A 168 -6.91 -1.39 2.87
C LEU A 168 -6.51 -2.50 3.84
N ILE A 169 -6.07 -3.63 3.30
CA ILE A 169 -5.70 -4.79 4.10
C ILE A 169 -4.22 -5.13 4.14
N ASP A 170 -3.93 -6.25 4.82
CA ASP A 170 -2.59 -6.80 5.02
C ASP A 170 -1.54 -5.81 5.47
N TRP A 171 -1.56 -5.52 6.77
CA TRP A 171 -0.61 -4.61 7.37
C TRP A 171 0.62 -5.35 7.90
N GLY A 172 0.88 -6.51 7.31
CA GLY A 172 2.02 -7.32 7.72
C GLY A 172 3.39 -6.74 7.40
N LEU A 173 3.42 -5.76 6.50
CA LEU A 173 4.68 -5.15 6.12
C LEU A 173 4.76 -3.71 6.62
N ALA A 174 3.69 -3.24 7.24
CA ALA A 174 3.64 -1.87 7.75
C ALA A 174 4.65 -1.64 8.85
N GLU A 175 5.01 -0.37 9.06
CA GLU A 175 5.99 -0.01 10.08
C GLU A 175 5.73 1.40 10.60
N PHE A 176 6.22 1.68 11.80
CA PHE A 176 6.05 3.00 12.41
C PHE A 176 7.13 3.90 11.84
N TYR A 177 6.78 5.16 11.58
CA TYR A 177 7.75 6.10 11.05
C TYR A 177 8.46 6.86 12.16
N HIS A 178 9.78 6.83 12.15
CA HIS A 178 10.58 7.55 13.13
C HIS A 178 11.62 8.33 12.33
N PRO A 179 11.64 9.66 12.50
CA PRO A 179 12.59 10.51 11.78
C PRO A 179 14.02 9.97 11.84
N GLY A 180 14.65 9.87 10.68
CA GLY A 180 16.02 9.40 10.61
C GLY A 180 16.24 7.90 10.62
N LYS A 181 15.22 7.12 10.95
CA LYS A 181 15.42 5.68 11.00
C LYS A 181 15.70 5.08 9.62
N GLU A 182 16.64 4.14 9.58
CA GLU A 182 17.00 3.49 8.34
C GLU A 182 16.25 2.17 8.28
N TYR A 183 15.27 2.09 7.39
CA TYR A 183 14.46 0.90 7.26
C TYR A 183 14.98 -0.12 6.24
N ASN A 184 14.38 -1.29 6.29
CA ASN A 184 14.71 -2.39 5.38
C ASN A 184 14.07 -2.01 4.05
N VAL A 185 14.82 -2.09 2.95
CA VAL A 185 14.26 -1.74 1.66
C VAL A 185 13.53 -2.92 1.03
N ARG A 186 13.62 -4.08 1.67
CA ARG A 186 12.96 -5.28 1.15
C ARG A 186 11.49 -5.29 1.58
N VAL A 187 10.72 -4.32 1.10
CA VAL A 187 9.30 -4.23 1.42
C VAL A 187 8.49 -3.97 0.17
N ALA A 188 7.16 -3.97 0.31
CA ALA A 188 6.26 -3.76 -0.83
C ALA A 188 6.48 -4.89 -1.83
N SER A 189 5.71 -4.85 -2.92
CA SER A 189 5.84 -5.86 -3.96
C SER A 189 6.53 -5.22 -5.15
N ARG A 190 7.45 -5.96 -5.76
CA ARG A 190 8.26 -5.47 -6.87
C ARG A 190 7.70 -4.40 -7.80
N TYR A 191 6.55 -4.67 -8.44
CA TYR A 191 5.97 -3.71 -9.38
C TYR A 191 5.57 -2.40 -8.73
N PHE A 192 5.42 -2.42 -7.41
CA PHE A 192 5.00 -1.24 -6.67
C PHE A 192 6.10 -0.63 -5.78
N LYS A 193 7.32 -1.11 -5.94
CA LYS A 193 8.42 -0.58 -5.13
C LYS A 193 8.84 0.78 -5.63
N GLY A 194 9.01 1.73 -4.70
CA GLY A 194 9.43 3.05 -5.09
C GLY A 194 10.92 3.09 -5.41
N PRO A 195 11.36 4.09 -6.19
CA PRO A 195 12.77 4.23 -6.55
C PRO A 195 13.69 4.16 -5.33
N GLU A 196 13.23 4.74 -4.21
CA GLU A 196 14.04 4.73 -3.00
C GLU A 196 14.44 3.30 -2.59
N LEU A 197 13.50 2.37 -2.70
CA LEU A 197 13.79 0.98 -2.34
C LEU A 197 14.74 0.35 -3.36
N LEU A 198 14.56 0.71 -4.62
CA LEU A 198 15.37 0.16 -5.70
C LEU A 198 16.80 0.68 -5.75
N VAL A 199 17.08 1.78 -5.07
CA VAL A 199 18.43 2.32 -5.05
C VAL A 199 19.00 2.29 -3.63
N ASP A 200 18.34 1.54 -2.77
CA ASP A 200 18.75 1.36 -1.37
C ASP A 200 18.74 2.59 -0.47
N LEU A 201 17.85 3.54 -0.73
CA LEU A 201 17.76 4.72 0.13
C LEU A 201 16.89 4.24 1.28
N GLN A 202 17.52 4.06 2.45
CA GLN A 202 16.84 3.53 3.63
C GLN A 202 16.01 4.47 4.51
N ASP A 203 16.33 5.76 4.54
CA ASP A 203 15.55 6.67 5.38
C ASP A 203 14.35 7.22 4.63
N TYR A 204 13.49 6.30 4.19
CA TYR A 204 12.29 6.69 3.45
C TYR A 204 11.13 6.95 4.41
N ASP A 205 9.98 7.34 3.87
CA ASP A 205 8.84 7.64 4.74
C ASP A 205 7.49 7.33 4.12
N TYR A 206 6.43 7.96 4.64
CA TYR A 206 5.07 7.73 4.15
C TYR A 206 4.97 7.87 2.63
N SER A 207 5.77 8.76 2.07
CA SER A 207 5.75 9.00 0.63
C SER A 207 5.96 7.73 -0.21
N LEU A 208 6.53 6.70 0.39
CA LEU A 208 6.73 5.44 -0.32
C LEU A 208 5.38 4.91 -0.80
N ASP A 209 4.37 4.99 0.07
CA ASP A 209 3.02 4.51 -0.26
C ASP A 209 2.42 5.31 -1.40
N MET A 210 2.83 6.58 -1.55
CA MET A 210 2.27 7.40 -2.60
C MET A 210 2.80 7.00 -3.98
N TRP A 211 4.02 6.46 -4.03
CA TRP A 211 4.57 5.98 -5.29
C TRP A 211 3.79 4.74 -5.68
N SER A 212 3.63 3.83 -4.71
CA SER A 212 2.89 2.59 -4.96
C SER A 212 1.47 2.91 -5.43
N LEU A 213 0.84 3.90 -4.80
CA LEU A 213 -0.51 4.28 -5.20
C LEU A 213 -0.45 4.77 -6.65
N GLY A 214 0.59 5.53 -6.97
CA GLY A 214 0.75 6.05 -8.31
C GLY A 214 0.86 4.92 -9.34
N CYS A 215 1.58 3.86 -9.00
CA CYS A 215 1.73 2.71 -9.90
C CYS A 215 0.36 2.07 -10.13
N MET A 216 -0.37 1.89 -9.05
CA MET A 216 -1.69 1.30 -9.10
C MET A 216 -2.63 2.15 -9.96
N PHE A 217 -2.60 3.46 -9.74
CA PHE A 217 -3.44 4.41 -10.48
C PHE A 217 -3.09 4.40 -11.97
N ALA A 218 -1.80 4.40 -12.28
CA ALA A 218 -1.37 4.38 -13.68
C ALA A 218 -1.87 3.10 -14.34
N GLY A 219 -1.80 1.99 -13.61
CA GLY A 219 -2.27 0.74 -14.16
C GLY A 219 -3.76 0.78 -14.47
N MET A 220 -4.52 1.49 -13.65
CA MET A 220 -5.96 1.62 -13.82
C MET A 220 -6.40 2.51 -14.98
N ILE A 221 -5.86 3.72 -15.07
CA ILE A 221 -6.26 4.61 -16.15
C ILE A 221 -5.70 4.21 -17.50
N PHE A 222 -4.54 3.55 -17.53
CA PHE A 222 -3.96 3.13 -18.81
C PHE A 222 -4.26 1.69 -19.16
N ARG A 223 -4.97 1.00 -18.28
CA ARG A 223 -5.32 -0.41 -18.50
C ARG A 223 -4.08 -1.22 -18.84
N LYS A 224 -3.05 -1.07 -18.02
CA LYS A 224 -1.78 -1.78 -18.18
C LYS A 224 -1.31 -2.17 -16.78
N GLU A 225 -1.61 -3.41 -16.39
CA GLU A 225 -1.24 -3.93 -15.07
C GLU A 225 -0.26 -5.08 -15.24
N PRO A 226 0.93 -4.98 -14.64
CA PRO A 226 1.36 -3.83 -13.84
C PRO A 226 1.89 -2.74 -14.77
N PHE A 227 1.84 -1.49 -14.34
CA PHE A 227 2.33 -0.42 -15.19
C PHE A 227 3.83 -0.55 -15.43
N PHE A 228 4.58 -0.79 -14.35
CA PHE A 228 6.04 -0.97 -14.44
C PHE A 228 6.28 -2.46 -14.23
N TYR A 229 6.50 -3.17 -15.33
CA TYR A 229 6.68 -4.62 -15.28
C TYR A 229 8.12 -5.10 -15.34
N GLY A 230 8.79 -5.09 -14.19
CA GLY A 230 10.18 -5.55 -14.14
C GLY A 230 10.23 -6.98 -13.63
N HIS A 231 11.20 -7.76 -14.09
CA HIS A 231 11.32 -9.15 -13.67
C HIS A 231 12.02 -9.32 -12.32
N ASP A 232 13.06 -8.52 -12.08
CA ASP A 232 13.77 -8.57 -10.81
C ASP A 232 13.91 -7.13 -10.37
N ASN A 233 14.45 -6.89 -9.17
CA ASN A 233 14.59 -5.52 -8.67
C ASN A 233 15.40 -4.59 -9.55
N HIS A 234 16.42 -5.11 -10.22
CA HIS A 234 17.22 -4.27 -11.11
C HIS A 234 16.38 -3.85 -12.30
N ASP A 235 15.69 -4.82 -12.90
CA ASP A 235 14.85 -4.58 -14.05
C ASP A 235 13.73 -3.61 -13.72
N GLN A 236 13.23 -3.67 -12.48
CA GLN A 236 12.15 -2.79 -12.04
C GLN A 236 12.57 -1.33 -12.19
N LEU A 237 13.80 -1.01 -11.78
CA LEU A 237 14.28 0.36 -11.90
C LEU A 237 14.47 0.73 -13.37
N VAL A 238 14.88 -0.25 -14.16
CA VAL A 238 15.08 0.00 -15.59
C VAL A 238 13.76 0.41 -16.25
N LYS A 239 12.70 -0.34 -15.97
CA LYS A 239 11.38 -0.06 -16.54
C LYS A 239 10.91 1.34 -16.15
N ILE A 240 11.16 1.72 -14.90
CA ILE A 240 10.76 3.04 -14.43
C ILE A 240 11.58 4.10 -15.18
N ALA A 241 12.87 3.86 -15.31
CA ALA A 241 13.75 4.80 -16.00
C ALA A 241 13.35 5.02 -17.45
N LYS A 242 12.90 3.97 -18.13
CA LYS A 242 12.48 4.09 -19.53
C LYS A 242 11.23 4.96 -19.68
N VAL A 243 10.53 5.19 -18.57
CA VAL A 243 9.33 6.01 -18.62
C VAL A 243 9.61 7.43 -18.13
N LEU A 244 10.09 7.56 -16.89
CA LEU A 244 10.38 8.87 -16.34
C LEU A 244 11.63 9.54 -16.91
N GLY A 245 12.50 8.73 -17.52
CA GLY A 245 13.73 9.27 -18.08
C GLY A 245 14.86 9.22 -17.07
N THR A 246 16.08 9.06 -17.56
CA THR A 246 17.25 8.97 -16.69
C THR A 246 17.74 10.31 -16.16
N ASP A 247 17.39 11.41 -16.83
CA ASP A 247 17.82 12.73 -16.37
C ASP A 247 17.30 13.02 -14.96
N GLY A 248 16.02 12.72 -14.74
CA GLY A 248 15.43 12.95 -13.44
C GLY A 248 15.99 11.99 -12.40
N LEU A 249 16.40 10.81 -12.85
CA LEU A 249 16.96 9.81 -11.94
C LEU A 249 18.31 10.30 -11.42
N ASN A 250 19.11 10.87 -12.32
CA ASN A 250 20.42 11.37 -11.94
C ASN A 250 20.30 12.55 -10.98
N VAL A 251 19.29 13.40 -11.18
CA VAL A 251 19.08 14.54 -10.30
C VAL A 251 18.76 14.00 -8.91
N TYR A 252 17.94 12.95 -8.89
CA TYR A 252 17.52 12.29 -7.65
C TYR A 252 18.73 11.68 -6.93
N LEU A 253 19.49 10.86 -7.66
CA LEU A 253 20.66 10.20 -7.08
C LEU A 253 21.67 11.17 -6.51
N ASN A 254 21.90 12.29 -7.20
CA ASN A 254 22.85 13.27 -6.73
C ASN A 254 22.35 14.00 -5.50
N LYS A 255 21.05 14.32 -5.49
CA LYS A 255 20.45 15.02 -4.37
C LYS A 255 20.61 14.25 -3.07
N TYR A 256 20.41 12.94 -3.12
CA TYR A 256 20.52 12.10 -1.92
C TYR A 256 21.86 11.38 -1.85
N ARG A 257 22.81 11.81 -2.67
CA ARG A 257 24.15 11.22 -2.68
C ARG A 257 24.14 9.70 -2.71
N ILE A 258 23.41 9.14 -3.65
CA ILE A 258 23.31 7.71 -3.78
C ILE A 258 24.15 7.25 -4.97
N GLU A 259 24.90 6.18 -4.77
CA GLU A 259 25.72 5.63 -5.85
C GLU A 259 25.10 4.31 -6.25
N LEU A 260 24.69 4.22 -7.50
CA LEU A 260 24.06 3.02 -8.04
C LEU A 260 25.12 1.93 -8.24
N ASP A 261 24.72 0.67 -8.09
CA ASP A 261 25.67 -0.41 -8.32
C ASP A 261 26.05 -0.29 -9.79
N PRO A 262 27.36 -0.35 -10.10
CA PRO A 262 27.80 -0.23 -11.48
C PRO A 262 27.02 -1.13 -12.43
N GLN A 263 26.69 -2.33 -11.97
CA GLN A 263 25.93 -3.29 -12.76
C GLN A 263 24.55 -2.74 -13.06
N LEU A 264 23.91 -2.19 -12.03
CA LEU A 264 22.57 -1.61 -12.18
C LEU A 264 22.66 -0.37 -13.04
N GLU A 265 23.69 0.45 -12.81
CA GLU A 265 23.87 1.66 -13.59
C GLU A 265 23.98 1.31 -15.06
N ALA A 266 24.67 0.22 -15.35
CA ALA A 266 24.85 -0.23 -16.73
C ALA A 266 23.52 -0.63 -17.35
N LEU A 267 22.72 -1.37 -16.58
CA LEU A 267 21.42 -1.82 -17.04
C LEU A 267 20.46 -0.67 -17.32
N VAL A 268 20.49 0.35 -16.46
CA VAL A 268 19.62 1.51 -16.62
C VAL A 268 19.94 2.31 -17.87
N GLY A 269 21.23 2.54 -18.12
CA GLY A 269 21.62 3.29 -19.31
C GLY A 269 21.11 4.72 -19.33
N ARG A 270 20.74 5.20 -20.52
CA ARG A 270 20.23 6.54 -20.70
C ARG A 270 18.93 6.51 -21.51
N HIS A 271 17.90 7.18 -21.01
CA HIS A 271 16.60 7.21 -21.66
C HIS A 271 15.90 8.55 -21.51
N SER A 272 15.22 8.98 -22.56
CA SER A 272 14.49 10.24 -22.51
C SER A 272 13.15 9.95 -21.85
N ARG A 273 12.49 10.99 -21.34
CA ARG A 273 11.20 10.84 -20.70
C ARG A 273 10.08 10.61 -21.71
N LYS A 274 9.20 9.67 -21.40
CA LYS A 274 8.07 9.37 -22.27
C LYS A 274 6.83 10.03 -21.68
N PRO A 275 6.27 11.04 -22.38
CA PRO A 275 5.07 11.72 -21.88
C PRO A 275 3.95 10.74 -21.57
N TRP A 276 3.16 11.06 -20.56
CA TRP A 276 2.05 10.20 -20.16
C TRP A 276 1.04 10.00 -21.27
N LEU A 277 0.88 11.01 -22.12
CA LEU A 277 -0.09 10.95 -23.23
C LEU A 277 0.22 9.85 -24.23
N LYS A 278 1.48 9.44 -24.31
CA LYS A 278 1.86 8.40 -25.25
C LYS A 278 1.43 7.01 -24.79
N PHE A 279 0.87 6.93 -23.59
CA PHE A 279 0.40 5.67 -23.05
C PHE A 279 -1.09 5.50 -23.35
N MET A 280 -1.70 6.54 -23.91
CA MET A 280 -3.11 6.49 -24.24
C MET A 280 -3.33 5.73 -25.55
N ASN A 281 -4.39 4.92 -25.57
CA ASN A 281 -4.72 4.13 -26.73
C ASN A 281 -6.22 3.86 -26.72
N ALA A 282 -6.72 3.20 -27.76
CA ALA A 282 -8.13 2.89 -27.87
C ALA A 282 -8.70 2.14 -26.67
N ASP A 283 -7.85 1.40 -25.96
CA ASP A 283 -8.29 0.63 -24.81
C ASP A 283 -8.43 1.44 -23.52
N ASN A 284 -7.80 2.60 -23.44
CA ASN A 284 -7.88 3.40 -22.22
C ASN A 284 -8.31 4.84 -22.44
N GLN A 285 -8.62 5.19 -23.69
CA GLN A 285 -9.02 6.55 -24.01
C GLN A 285 -10.18 7.08 -23.17
N HIS A 286 -11.07 6.18 -22.75
CA HIS A 286 -12.22 6.57 -21.95
C HIS A 286 -11.85 6.92 -20.50
N LEU A 287 -10.62 6.63 -20.10
CA LEU A 287 -10.18 6.89 -18.72
C LEU A 287 -9.07 7.93 -18.57
N VAL A 288 -8.39 8.25 -19.67
CA VAL A 288 -7.29 9.20 -19.62
C VAL A 288 -7.73 10.64 -19.84
N SER A 289 -7.94 11.35 -18.75
CA SER A 289 -8.36 12.75 -18.79
C SER A 289 -7.19 13.61 -18.33
N PRO A 290 -7.20 14.90 -18.69
CA PRO A 290 -6.12 15.81 -18.30
C PRO A 290 -5.93 15.84 -16.78
N GLU A 291 -7.04 15.78 -16.05
CA GLU A 291 -6.97 15.82 -14.58
C GLU A 291 -6.33 14.54 -14.04
N ALA A 292 -6.68 13.39 -14.62
CA ALA A 292 -6.11 12.13 -14.17
C ALA A 292 -4.60 12.13 -14.41
N ILE A 293 -4.19 12.61 -15.57
CA ILE A 293 -2.77 12.66 -15.91
C ILE A 293 -2.00 13.60 -15.00
N ASP A 294 -2.59 14.77 -14.72
CA ASP A 294 -1.91 15.73 -13.84
C ASP A 294 -1.73 15.12 -12.45
N PHE A 295 -2.76 14.44 -11.98
CA PHE A 295 -2.68 13.81 -10.66
C PHE A 295 -1.62 12.72 -10.64
N LEU A 296 -1.62 11.87 -11.66
CA LEU A 296 -0.64 10.78 -11.77
C LEU A 296 0.77 11.35 -11.79
N ASP A 297 0.95 12.41 -12.56
CA ASP A 297 2.24 13.05 -12.70
C ASP A 297 2.81 13.52 -11.37
N LYS A 298 1.94 13.99 -10.48
CA LYS A 298 2.37 14.47 -9.18
C LYS A 298 2.61 13.35 -8.16
N LEU A 299 2.32 12.11 -8.56
CA LEU A 299 2.55 10.97 -7.68
C LEU A 299 3.83 10.26 -8.08
N LEU A 300 3.97 9.97 -9.37
CA LEU A 300 5.16 9.25 -9.85
C LEU A 300 6.35 10.15 -10.12
N ARG A 301 7.01 10.54 -9.03
CA ARG A 301 8.20 11.37 -9.07
C ARG A 301 9.31 10.55 -8.39
N TYR A 302 10.51 10.56 -8.95
CA TYR A 302 11.62 9.83 -8.37
C TYR A 302 11.80 10.29 -6.92
N ASP A 303 11.87 11.60 -6.76
CA ASP A 303 12.09 12.20 -5.45
C ASP A 303 10.86 12.05 -4.57
N HIS A 304 10.97 11.21 -3.55
CA HIS A 304 9.85 10.98 -2.64
C HIS A 304 9.37 12.27 -1.96
N GLN A 305 10.28 13.20 -1.70
CA GLN A 305 9.88 14.45 -1.05
C GLN A 305 9.03 15.34 -1.97
N GLU A 306 9.06 15.06 -3.27
CA GLU A 306 8.33 15.81 -4.27
C GLU A 306 6.89 15.34 -4.48
N ARG A 307 6.61 14.09 -4.14
CA ARG A 307 5.29 13.52 -4.33
C ARG A 307 4.21 14.16 -3.48
N LEU A 308 2.99 14.12 -3.98
CA LEU A 308 1.84 14.64 -3.24
C LEU A 308 1.69 13.80 -1.99
N THR A 309 1.29 14.43 -0.89
CA THR A 309 1.04 13.70 0.34
C THR A 309 -0.38 13.16 0.12
N ALA A 310 -0.82 12.21 0.94
CA ALA A 310 -2.16 11.69 0.76
C ALA A 310 -3.20 12.79 0.94
N LEU A 311 -2.95 13.70 1.88
CA LEU A 311 -3.89 14.79 2.15
C LEU A 311 -4.02 15.73 0.97
N GLU A 312 -2.88 16.06 0.34
CA GLU A 312 -2.87 16.94 -0.84
C GLU A 312 -3.58 16.24 -2.00
N ALA A 313 -3.26 14.96 -2.18
CA ALA A 313 -3.86 14.17 -3.25
C ALA A 313 -5.38 14.25 -3.22
N MET A 314 -5.95 14.09 -2.03
CA MET A 314 -7.40 14.13 -1.87
C MET A 314 -8.03 15.45 -2.34
N THR A 315 -7.28 16.53 -2.29
CA THR A 315 -7.82 17.83 -2.70
C THR A 315 -7.62 18.15 -4.18
N HIS A 316 -6.90 17.30 -4.90
CA HIS A 316 -6.67 17.53 -6.33
C HIS A 316 -8.03 17.61 -7.06
N PRO A 317 -8.16 18.57 -8.01
CA PRO A 317 -9.40 18.74 -8.77
C PRO A 317 -9.97 17.47 -9.40
N TYR A 318 -9.09 16.50 -9.67
CA TYR A 318 -9.53 15.24 -10.24
C TYR A 318 -10.66 14.62 -9.42
N PHE A 319 -10.62 14.78 -8.10
CA PHE A 319 -11.62 14.22 -7.20
C PHE A 319 -12.71 15.21 -6.83
N GLN A 320 -12.79 16.32 -7.56
CA GLN A 320 -13.76 17.33 -7.19
C GLN A 320 -15.22 16.87 -7.07
N GLN A 321 -15.67 15.99 -7.97
CA GLN A 321 -17.06 15.51 -7.88
C GLN A 321 -17.22 14.55 -6.71
N VAL A 322 -16.20 13.76 -6.43
CA VAL A 322 -16.26 12.82 -5.33
C VAL A 322 -16.43 13.61 -4.03
N ARG A 323 -15.70 14.71 -3.91
CA ARG A 323 -15.79 15.55 -2.72
C ARG A 323 -17.15 16.23 -2.64
N ALA A 324 -17.55 16.84 -3.75
CA ALA A 324 -18.85 17.53 -3.81
C ALA A 324 -19.96 16.57 -3.40
N ALA A 325 -19.88 15.34 -3.89
CA ALA A 325 -20.89 14.32 -3.59
C ALA A 325 -20.85 13.90 -2.13
N GLU A 326 -19.64 13.74 -1.60
CA GLU A 326 -19.42 13.35 -0.22
C GLU A 326 -19.31 14.58 0.70
#